data_3QMJ
#
_entry.id   3QMJ
#
_cell.length_a   115.820
_cell.length_b   115.820
_cell.length_c   115.820
_cell.angle_alpha   90.000
_cell.angle_beta   90.000
_cell.angle_gamma   90.000
#
_symmetry.space_group_name_H-M   'I 21 3'
#
loop_
_entity.id
_entity.type
_entity.pdbx_description
1 polymer 'Enoyl-CoA hydratase, EchA8_6'
2 non-polymer 'FORMIC ACID'
3 water water
#
_entity_poly.entity_id   1
_entity_poly.type   'polypeptide(L)'
_entity_poly.pdbx_seq_one_letter_code
;GPGSMVTLQIDDDNRVRTLTLNRPEALNAFNEALYDATAQALLDAADDPQVAVVLLTGSGRGFSAGTDLAEMQARITDPN
FSEGKFGFRGLIKALAGFPKPLICAVNGLGVGIGATILGYADLAFMSSTARLKCPFTSLGVAPEAASSYLLPQLVGRQNA
AWLLMSSEWIDAEEALRMGLVWRICSPEELLPEARRHAEILAAKPISSLMAVKHTMVEPNRAQIAAASARENAHFAELMG
AQANAAALADFTDRRR
;
_entity_poly.pdbx_strand_id   A
#
loop_
_chem_comp.id
_chem_comp.type
_chem_comp.name
_chem_comp.formula
FMT non-polymer 'FORMIC ACID' 'C H2 O2'
#
# COMPACT_ATOMS: atom_id res chain seq x y z
N VAL A 6 -16.68 -9.61 -4.10
CA VAL A 6 -16.00 -8.79 -3.05
C VAL A 6 -14.76 -8.14 -3.66
N THR A 7 -14.56 -6.85 -3.40
CA THR A 7 -13.40 -6.13 -3.92
C THR A 7 -12.12 -6.29 -3.06
N LEU A 8 -12.27 -6.75 -1.82
CA LEU A 8 -11.16 -6.95 -0.88
C LEU A 8 -11.30 -8.31 -0.18
N GLN A 9 -10.37 -9.23 -0.45
CA GLN A 9 -10.29 -10.52 0.28
C GLN A 9 -9.48 -10.28 1.56
N ILE A 10 -9.93 -10.85 2.67
CA ILE A 10 -9.34 -10.68 4.00
C ILE A 10 -9.13 -12.08 4.59
N ASP A 11 -7.92 -12.40 5.04
CA ASP A 11 -7.69 -13.74 5.58
C ASP A 11 -6.65 -13.66 6.68
N ASP A 12 -6.91 -14.38 7.77
CA ASP A 12 -6.01 -14.46 8.92
C ASP A 12 -5.28 -15.80 8.98
N ASP A 13 -4.00 -15.72 9.38
CA ASP A 13 -3.14 -16.89 9.47
C ASP A 13 -1.94 -16.53 10.35
N ASN A 14 -1.91 -17.10 11.56
CA ASN A 14 -0.83 -16.89 12.54
C ASN A 14 -0.68 -15.41 12.96
N ARG A 15 -1.83 -14.74 13.14
CA ARG A 15 -1.93 -13.34 13.62
C ARG A 15 -1.46 -12.27 12.58
N VAL A 16 -1.31 -12.70 11.34
CA VAL A 16 -1.07 -11.81 10.22
C VAL A 16 -2.39 -11.74 9.48
N ARG A 17 -2.91 -10.53 9.30
CA ARG A 17 -4.09 -10.35 8.49
C ARG A 17 -3.67 -9.87 7.12
N THR A 18 -3.98 -10.67 6.09
CA THR A 18 -3.66 -10.32 4.71
C THR A 18 -4.88 -9.67 4.06
N LEU A 19 -4.67 -8.45 3.55
CA LEU A 19 -5.63 -7.77 2.72
C LEU A 19 -5.17 -7.92 1.29
N THR A 20 -5.99 -8.58 0.47
CA THR A 20 -5.66 -8.80 -0.93
C THR A 20 -6.64 -7.98 -1.76
N LEU A 21 -6.15 -6.88 -2.30
CA LEU A 21 -6.95 -6.05 -3.23
C LEU A 21 -7.46 -6.95 -4.37
N ASN A 22 -8.77 -6.93 -4.61
CA ASN A 22 -9.40 -7.96 -5.43
C ASN A 22 -10.33 -7.39 -6.50
N ARG A 23 -9.74 -6.51 -7.33
CA ARG A 23 -10.36 -6.10 -8.61
C ARG A 23 -9.34 -6.33 -9.74
N PRO A 24 -8.95 -7.60 -9.94
CA PRO A 24 -7.84 -7.95 -10.83
C PRO A 24 -8.03 -7.51 -12.29
N GLU A 25 -9.29 -7.53 -12.75
CA GLU A 25 -9.64 -7.05 -14.08
C GLU A 25 -9.40 -5.55 -14.27
N ALA A 26 -9.54 -4.80 -13.18
CA ALA A 26 -9.27 -3.36 -13.17
C ALA A 26 -7.86 -3.08 -12.63
N LEU A 27 -6.95 -4.05 -12.71
CA LEU A 27 -5.62 -3.95 -12.08
C LEU A 27 -5.68 -3.39 -10.64
N ASN A 28 -6.69 -3.83 -9.87
CA ASN A 28 -6.88 -3.40 -8.48
C ASN A 28 -6.92 -1.87 -8.28
N ALA A 29 -7.46 -1.15 -9.27
CA ALA A 29 -7.71 0.28 -9.12
C ALA A 29 -8.68 0.47 -7.96
N PHE A 30 -8.42 1.48 -7.15
CA PHE A 30 -9.30 1.85 -6.06
C PHE A 30 -10.50 2.64 -6.56
N ASN A 31 -11.63 1.97 -6.74
CA ASN A 31 -12.89 2.67 -6.75
C ASN A 31 -13.28 3.04 -5.31
N GLU A 32 -14.37 3.78 -5.16
CA GLU A 32 -14.85 4.17 -3.84
C GLU A 32 -15.10 2.97 -2.93
N ALA A 33 -15.72 1.92 -3.46
CA ALA A 33 -15.98 0.70 -2.68
C ALA A 33 -14.68 0.03 -2.18
N LEU A 34 -13.63 -0.02 -3.01
CA LEU A 34 -12.32 -0.54 -2.55
C LEU A 34 -11.57 0.41 -1.58
N TYR A 35 -11.63 1.72 -1.81
CA TYR A 35 -11.12 2.66 -0.82
C TYR A 35 -11.80 2.45 0.55
N ASP A 36 -13.13 2.29 0.54
CA ASP A 36 -13.92 2.14 1.76
C ASP A 36 -13.60 0.84 2.45
N ALA A 37 -13.62 -0.25 1.70
CA ALA A 37 -13.29 -1.57 2.22
C ALA A 37 -11.87 -1.64 2.82
N THR A 38 -10.90 -1.06 2.14
CA THR A 38 -9.52 -1.10 2.60
C THR A 38 -9.35 -0.27 3.87
N ALA A 39 -9.88 0.96 3.88
CA ALA A 39 -9.80 1.83 5.06
C ALA A 39 -10.45 1.14 6.26
N GLN A 40 -11.64 0.57 6.06
CA GLN A 40 -12.36 -0.10 7.14
C GLN A 40 -11.58 -1.33 7.62
N ALA A 41 -11.03 -2.08 6.68
CA ALA A 41 -10.24 -3.28 7.02
C ALA A 41 -9.06 -2.91 7.95
N LEU A 42 -8.48 -1.73 7.75
CA LEU A 42 -7.34 -1.25 8.55
C LEU A 42 -7.76 -0.85 9.97
N LEU A 43 -8.90 -0.16 10.12
CA LEU A 43 -9.42 0.25 11.45
C LEU A 43 -9.74 -0.99 12.28
N ASP A 44 -10.45 -1.91 11.65
CA ASP A 44 -10.74 -3.22 12.23
C ASP A 44 -9.47 -3.95 12.67
N ALA A 45 -8.49 -4.07 11.76
CA ALA A 45 -7.19 -4.66 12.10
C ALA A 45 -6.54 -3.94 13.28
N ALA A 46 -6.60 -2.60 13.30
CA ALA A 46 -6.02 -1.80 14.37
C ALA A 46 -6.62 -2.19 15.72
N ASP A 47 -7.94 -2.41 15.72
CA ASP A 47 -8.69 -2.77 16.91
C ASP A 47 -8.67 -4.26 17.27
N ASP A 48 -8.38 -5.15 16.32
CA ASP A 48 -8.54 -6.59 16.57
C ASP A 48 -7.33 -7.13 17.35
N PRO A 49 -7.57 -7.70 18.54
CA PRO A 49 -6.50 -8.18 19.40
C PRO A 49 -5.86 -9.48 18.91
N GLN A 50 -6.50 -10.15 17.95
CA GLN A 50 -5.94 -11.34 17.31
C GLN A 50 -5.11 -11.05 16.03
N VAL A 51 -4.88 -9.77 15.73
CA VAL A 51 -4.08 -9.35 14.56
C VAL A 51 -2.85 -8.59 15.03
N ALA A 52 -1.66 -9.12 14.74
CA ALA A 52 -0.40 -8.44 15.05
C ALA A 52 0.10 -7.58 13.90
N VAL A 53 -0.03 -8.11 12.69
CA VAL A 53 0.55 -7.51 11.48
C VAL A 53 -0.48 -7.53 10.37
N VAL A 54 -0.47 -6.49 9.53
CA VAL A 54 -1.19 -6.50 8.26
C VAL A 54 -0.23 -6.61 7.07
N LEU A 55 -0.60 -7.51 6.15
CA LEU A 55 0.09 -7.72 4.88
C LEU A 55 -0.84 -7.31 3.73
N LEU A 56 -0.40 -6.39 2.90
CA LEU A 56 -1.23 -5.89 1.82
C LEU A 56 -0.62 -6.30 0.50
N THR A 57 -1.44 -6.89 -0.36
CA THR A 57 -1.00 -7.30 -1.68
C THR A 57 -2.19 -7.26 -2.67
N GLY A 58 -1.91 -7.54 -3.94
CA GLY A 58 -2.93 -7.48 -4.98
C GLY A 58 -3.16 -8.81 -5.66
N SER A 59 -4.38 -8.99 -6.14
CA SER A 59 -4.72 -10.19 -6.90
C SER A 59 -4.36 -9.95 -8.37
N GLY A 60 -3.86 -10.99 -9.03
CA GLY A 60 -3.57 -10.94 -10.46
C GLY A 60 -2.30 -10.21 -10.80
N ARG A 61 -2.25 -9.61 -11.99
CA ARG A 61 -1.01 -9.05 -12.48
C ARG A 61 -0.61 -7.69 -11.88
N GLY A 62 -1.57 -6.94 -11.36
CA GLY A 62 -1.31 -5.64 -10.73
C GLY A 62 -1.26 -5.64 -9.21
N PHE A 63 -0.47 -4.72 -8.63
CA PHE A 63 -0.55 -4.43 -7.20
C PHE A 63 -1.75 -3.49 -7.02
N SER A 64 -1.61 -2.25 -7.51
CA SER A 64 -2.78 -1.34 -7.71
C SER A 64 -2.48 -0.30 -8.78
N ALA A 65 -3.38 -0.19 -9.76
CA ALA A 65 -3.32 0.91 -10.74
C ALA A 65 -3.69 2.29 -10.18
N GLY A 66 -4.00 2.37 -8.89
CA GLY A 66 -4.32 3.65 -8.22
C GLY A 66 -5.81 4.03 -8.29
N THR A 67 -6.12 5.30 -8.12
CA THR A 67 -7.52 5.74 -8.21
C THR A 67 -8.18 5.29 -9.52
N ASP A 68 -9.37 4.71 -9.41
CA ASP A 68 -10.11 4.27 -10.59
C ASP A 68 -10.66 5.49 -11.32
N LEU A 69 -9.93 5.94 -12.33
CA LEU A 69 -10.29 7.14 -13.06
C LEU A 69 -11.55 6.96 -13.89
N ALA A 70 -11.82 5.74 -14.36
CA ALA A 70 -13.07 5.46 -15.10
C ALA A 70 -14.29 5.66 -14.20
N GLU A 71 -14.23 5.12 -12.97
CA GLU A 71 -15.34 5.36 -12.06
C GLU A 71 -15.46 6.86 -11.78
N MET A 72 -14.33 7.52 -11.56
CA MET A 72 -14.34 8.95 -11.25
C MET A 72 -14.99 9.79 -12.33
N GLN A 73 -14.75 9.44 -13.59
CA GLN A 73 -15.43 10.10 -14.69
C GLN A 73 -16.94 9.92 -14.64
N ALA A 74 -17.40 8.68 -14.42
CA ALA A 74 -18.85 8.39 -14.26
C ALA A 74 -19.44 9.22 -13.12
N ARG A 75 -18.77 9.26 -11.96
CA ARG A 75 -19.28 10.01 -10.80
C ARG A 75 -19.46 11.53 -11.05
N ILE A 76 -18.49 12.14 -11.73
CA ILE A 76 -18.54 13.59 -11.98
C ILE A 76 -19.50 13.94 -13.10
N THR A 77 -19.88 12.94 -13.92
CA THR A 77 -20.83 13.16 -15.02
C THR A 77 -22.26 12.67 -14.72
N ASP A 78 -22.46 11.95 -13.61
CA ASP A 78 -23.82 11.59 -13.17
C ASP A 78 -24.65 12.81 -12.73
N PRO A 79 -25.97 12.73 -12.91
CA PRO A 79 -26.88 13.72 -12.36
C PRO A 79 -26.56 14.07 -10.91
N ASN A 80 -26.31 13.05 -10.09
CA ASN A 80 -25.99 13.24 -8.70
C ASN A 80 -24.62 12.64 -8.39
N PHE A 81 -23.81 13.45 -7.73
CA PHE A 81 -22.49 13.06 -7.30
C PHE A 81 -22.67 12.09 -6.14
N SER A 82 -21.74 11.15 -6.05
CA SER A 82 -21.75 10.15 -5.00
C SER A 82 -20.32 9.86 -4.51
N GLU A 83 -20.23 9.48 -3.25
CA GLU A 83 -18.96 9.27 -2.57
C GLU A 83 -19.05 8.06 -1.68
N GLY A 84 -17.88 7.52 -1.32
CA GLY A 84 -17.77 6.52 -0.28
C GLY A 84 -17.69 7.16 1.10
N LYS A 85 -17.91 6.37 2.14
CA LYS A 85 -17.75 6.82 3.52
C LYS A 85 -16.31 7.28 3.81
N PHE A 86 -15.32 6.68 3.13
CA PHE A 86 -13.92 7.02 3.37
C PHE A 86 -13.23 7.65 2.15
N GLY A 87 -13.26 6.94 1.02
CA GLY A 87 -12.57 7.39 -0.18
C GLY A 87 -11.07 7.43 -0.04
N PHE A 88 -10.43 8.15 -0.95
CA PHE A 88 -8.99 8.36 -0.92
C PHE A 88 -8.55 8.96 0.43
N ARG A 89 -9.24 10.04 0.82
CA ARG A 89 -8.92 10.80 2.02
C ARG A 89 -8.95 9.92 3.27
N GLY A 90 -10.01 9.12 3.39
CA GLY A 90 -10.14 8.17 4.48
C GLY A 90 -9.13 7.04 4.50
N LEU A 91 -8.69 6.57 3.33
CA LEU A 91 -7.65 5.54 3.27
C LEU A 91 -6.31 6.10 3.79
N ILE A 92 -5.93 7.29 3.32
CA ILE A 92 -4.69 7.96 3.78
C ILE A 92 -4.64 8.11 5.31
N LYS A 93 -5.76 8.52 5.92
CA LYS A 93 -5.86 8.68 7.38
C LYS A 93 -5.79 7.33 8.11
N ALA A 94 -6.43 6.29 7.60
CA ALA A 94 -6.28 4.94 8.17
C ALA A 94 -4.81 4.48 8.08
N LEU A 95 -4.20 4.70 6.90
CA LEU A 95 -2.78 4.34 6.69
C LEU A 95 -1.84 5.12 7.60
N ALA A 96 -2.05 6.43 7.67
CA ALA A 96 -1.18 7.29 8.46
C ALA A 96 -1.26 6.97 9.95
N GLY A 97 -2.44 6.59 10.43
CA GLY A 97 -2.62 6.27 11.85
C GLY A 97 -2.49 4.80 12.22
N PHE A 98 -2.30 3.93 11.24
CA PHE A 98 -2.24 2.48 11.51
C PHE A 98 -1.09 2.14 12.49
N PRO A 99 -1.44 1.56 13.66
CA PRO A 99 -0.46 1.48 14.73
C PRO A 99 0.34 0.18 14.82
N LYS A 100 0.03 -0.75 13.92
CA LYS A 100 0.69 -2.04 13.88
C LYS A 100 1.59 -2.09 12.63
N PRO A 101 2.53 -3.06 12.60
CA PRO A 101 3.34 -3.21 11.40
C PRO A 101 2.49 -3.47 10.16
N LEU A 102 2.84 -2.74 9.10
CA LEU A 102 2.19 -2.88 7.82
C LEU A 102 3.24 -3.31 6.81
N ILE A 103 3.00 -4.45 6.16
CA ILE A 103 3.89 -4.98 5.14
C ILE A 103 3.18 -4.99 3.82
N CYS A 104 3.82 -4.42 2.81
CA CYS A 104 3.31 -4.47 1.44
C CYS A 104 4.09 -5.48 0.62
N ALA A 105 3.37 -6.29 -0.16
CA ALA A 105 3.96 -7.21 -1.12
C ALA A 105 3.51 -6.76 -2.52
N VAL A 106 4.39 -6.01 -3.17
CA VAL A 106 4.11 -5.42 -4.45
C VAL A 106 4.30 -6.46 -5.55
N ASN A 107 3.19 -7.02 -6.03
CA ASN A 107 3.20 -8.15 -6.95
C ASN A 107 3.19 -7.78 -8.42
N GLY A 108 2.94 -6.50 -8.69
CA GLY A 108 2.95 -6.00 -10.05
C GLY A 108 2.82 -4.50 -10.00
N LEU A 109 2.23 -3.91 -11.04
CA LEU A 109 2.29 -2.48 -11.24
C LEU A 109 1.67 -1.78 -10.06
N GLY A 110 2.33 -0.68 -9.65
CA GLY A 110 1.83 0.20 -8.63
C GLY A 110 1.91 1.60 -9.19
N VAL A 111 0.74 2.21 -9.42
CA VAL A 111 0.66 3.56 -10.00
C VAL A 111 -0.11 4.50 -9.05
N GLY A 112 0.38 5.73 -8.91
CA GLY A 112 -0.20 6.75 -8.05
C GLY A 112 -0.16 6.33 -6.59
N ILE A 113 -1.34 6.19 -5.99
CA ILE A 113 -1.44 5.68 -4.61
C ILE A 113 -0.94 4.23 -4.52
N GLY A 114 -1.01 3.49 -5.62
CA GLY A 114 -0.44 2.15 -5.66
C GLY A 114 1.09 2.16 -5.45
N ALA A 115 1.72 3.31 -5.70
CA ALA A 115 3.15 3.51 -5.43
C ALA A 115 3.35 4.28 -4.12
N THR A 116 2.59 5.35 -3.90
CA THR A 116 2.89 6.20 -2.74
C THR A 116 2.45 5.56 -1.42
N ILE A 117 1.60 4.54 -1.48
CA ILE A 117 1.21 3.77 -0.30
C ILE A 117 2.44 3.14 0.41
N LEU A 118 3.52 2.94 -0.33
CA LEU A 118 4.76 2.40 0.23
C LEU A 118 5.39 3.28 1.28
N GLY A 119 5.06 4.57 1.28
CA GLY A 119 5.53 5.50 2.31
C GLY A 119 4.98 5.18 3.69
N TYR A 120 3.88 4.41 3.75
CA TYR A 120 3.27 4.02 5.03
C TYR A 120 3.66 2.61 5.43
N ALA A 121 4.42 1.92 4.59
CA ALA A 121 4.80 0.53 4.85
C ALA A 121 5.93 0.52 5.83
N ASP A 122 5.88 -0.40 6.79
CA ASP A 122 7.01 -0.67 7.65
C ASP A 122 8.02 -1.58 6.97
N LEU A 123 7.53 -2.50 6.12
CA LEU A 123 8.38 -3.25 5.18
C LEU A 123 7.69 -3.42 3.82
N ALA A 124 8.47 -3.36 2.75
CA ALA A 124 7.92 -3.55 1.42
C ALA A 124 8.80 -4.54 0.67
N PHE A 125 8.15 -5.58 0.18
CA PHE A 125 8.78 -6.58 -0.67
C PHE A 125 8.21 -6.34 -2.07
N MET A 126 9.01 -6.48 -3.10
CA MET A 126 8.56 -6.20 -4.47
C MET A 126 8.98 -7.31 -5.40
N SER A 127 8.06 -7.80 -6.22
CA SER A 127 8.39 -8.78 -7.24
C SER A 127 9.34 -8.17 -8.23
N SER A 128 10.24 -9.00 -8.73
CA SER A 128 11.24 -8.61 -9.69
C SER A 128 10.65 -8.20 -11.01
N THR A 129 9.39 -8.57 -11.28
CA THR A 129 8.71 -8.17 -12.52
C THR A 129 7.77 -6.96 -12.35
N ALA A 130 7.61 -6.46 -11.12
CA ALA A 130 6.76 -5.30 -10.82
C ALA A 130 7.47 -4.01 -11.17
N ARG A 131 6.70 -2.97 -11.46
CA ARG A 131 7.21 -1.62 -11.69
C ARG A 131 6.30 -0.60 -11.01
N LEU A 132 6.86 0.56 -10.68
CA LEU A 132 6.12 1.61 -9.97
C LEU A 132 6.12 2.88 -10.79
N LYS A 133 5.07 3.68 -10.64
CA LYS A 133 4.99 4.97 -11.30
C LYS A 133 4.15 5.96 -10.50
N CYS A 134 4.68 7.19 -10.36
CA CYS A 134 3.94 8.32 -9.81
C CYS A 134 3.63 9.28 -10.95
N PRO A 135 2.42 9.19 -11.52
CA PRO A 135 2.12 9.92 -12.75
C PRO A 135 1.68 11.41 -12.58
N PHE A 136 1.79 11.99 -11.39
CA PHE A 136 1.37 13.39 -11.12
C PHE A 136 1.71 14.41 -12.21
N THR A 137 2.99 14.52 -12.58
CA THR A 137 3.42 15.51 -13.59
C THR A 137 2.89 15.27 -15.01
N SER A 138 2.65 14.01 -15.39
CA SER A 138 2.03 13.72 -16.69
C SER A 138 0.48 13.93 -16.66
N LEU A 139 -0.08 14.09 -15.46
CA LEU A 139 -1.50 14.42 -15.26
C LEU A 139 -1.71 15.93 -14.96
N PRO A 143 1.13 15.97 -5.56
CA PRO A 143 0.56 14.84 -4.82
C PRO A 143 0.23 15.21 -3.37
N GLU A 144 -0.25 14.24 -2.59
CA GLU A 144 -0.61 14.47 -1.18
C GLU A 144 0.59 15.02 -0.39
N ALA A 145 0.30 15.71 0.72
CA ALA A 145 1.37 16.27 1.57
C ALA A 145 2.20 15.15 2.27
N ALA A 146 1.50 14.11 2.72
CA ALA A 146 2.11 13.02 3.49
C ALA A 146 3.15 12.25 2.66
N SER A 147 2.74 11.83 1.45
CA SER A 147 3.60 11.09 0.52
C SER A 147 4.92 11.83 0.25
N SER A 148 4.81 13.15 0.07
CA SER A 148 5.96 14.00 -0.28
C SER A 148 6.77 14.50 0.93
N TYR A 149 6.34 14.18 2.14
CA TYR A 149 7.26 14.21 3.30
C TYR A 149 7.90 12.80 3.46
N LEU A 150 7.05 11.78 3.43
CA LEU A 150 7.46 10.41 3.76
C LEU A 150 8.45 9.85 2.75
N LEU A 151 8.16 10.01 1.46
CA LEU A 151 9.00 9.40 0.43
C LEU A 151 10.42 10.01 0.36
N PRO A 152 10.53 11.35 0.35
CA PRO A 152 11.86 11.97 0.41
C PRO A 152 12.68 11.56 1.65
N GLN A 153 12.00 11.37 2.79
CA GLN A 153 12.68 10.93 4.00
C GLN A 153 13.22 9.50 3.81
N LEU A 154 12.49 8.67 3.06
CA LEU A 154 12.84 7.26 2.85
C LEU A 154 13.97 7.10 1.82
N VAL A 155 13.86 7.80 0.68
CA VAL A 155 14.74 7.54 -0.48
C VAL A 155 15.74 8.66 -0.77
N GLY A 156 15.61 9.78 -0.05
CA GLY A 156 16.48 10.91 -0.26
C GLY A 156 15.95 11.81 -1.35
N ARG A 157 16.48 13.04 -1.38
CA ARG A 157 16.00 14.07 -2.28
C ARG A 157 16.12 13.73 -3.77
N GLN A 158 17.23 13.11 -4.17
CA GLN A 158 17.46 12.85 -5.59
C GLN A 158 16.61 11.72 -6.10
N ASN A 159 16.59 10.60 -5.37
CA ASN A 159 15.68 9.49 -5.74
C ASN A 159 14.20 9.93 -5.77
N ALA A 160 13.81 10.76 -4.81
CA ALA A 160 12.44 11.26 -4.71
C ALA A 160 12.08 12.18 -5.88
N ALA A 161 13.04 13.01 -6.29
CA ALA A 161 12.88 13.89 -7.42
C ALA A 161 12.58 13.08 -8.67
N TRP A 162 13.38 12.05 -8.96
CA TRP A 162 13.13 11.22 -10.12
C TRP A 162 11.76 10.50 -10.01
N LEU A 163 11.54 9.84 -8.88
CA LEU A 163 10.26 9.15 -8.65
C LEU A 163 9.03 10.04 -8.87
N LEU A 164 9.05 11.22 -8.24
CA LEU A 164 7.87 12.07 -8.18
C LEU A 164 7.74 13.10 -9.31
N MET A 165 8.83 13.42 -10.01
CA MET A 165 8.77 14.40 -11.09
C MET A 165 8.75 13.79 -12.49
N SER A 166 9.29 12.59 -12.64
CA SER A 166 9.53 12.07 -14.00
C SER A 166 8.31 11.48 -14.69
N SER A 167 7.35 10.97 -13.89
CA SER A 167 6.27 10.09 -14.35
C SER A 167 6.75 8.85 -15.13
N GLU A 168 7.97 8.41 -14.84
CA GLU A 168 8.54 7.25 -15.53
C GLU A 168 8.35 6.03 -14.65
N TRP A 169 8.31 4.86 -15.31
CA TRP A 169 8.31 3.61 -14.59
C TRP A 169 9.64 3.42 -13.84
N ILE A 170 9.54 2.89 -12.63
CA ILE A 170 10.66 2.54 -11.78
C ILE A 170 10.60 1.03 -11.60
N ASP A 171 11.61 0.32 -12.05
CA ASP A 171 11.61 -1.13 -11.95
C ASP A 171 12.10 -1.61 -10.57
N ALA A 172 12.07 -2.92 -10.39
CA ALA A 172 12.33 -3.51 -9.08
C ALA A 172 13.74 -3.17 -8.61
N GLU A 173 14.73 -3.30 -9.50
CA GLU A 173 16.12 -3.00 -9.10
C GLU A 173 16.32 -1.53 -8.75
N GLU A 174 15.62 -0.65 -9.48
CA GLU A 174 15.66 0.77 -9.19
C GLU A 174 15.00 1.05 -7.86
N ALA A 175 13.81 0.48 -7.64
CA ALA A 175 13.06 0.70 -6.37
C ALA A 175 13.93 0.27 -5.19
N LEU A 176 14.63 -0.86 -5.31
CA LEU A 176 15.50 -1.36 -4.21
C LEU A 176 16.70 -0.43 -4.04
N ARG A 177 17.32 -0.07 -5.16
CA ARG A 177 18.48 0.81 -5.16
C ARG A 177 18.14 2.15 -4.48
N MET A 178 16.94 2.68 -4.77
CA MET A 178 16.43 3.88 -4.13
C MET A 178 16.23 3.74 -2.63
N GLY A 179 15.98 2.52 -2.15
CA GLY A 179 15.48 2.29 -0.77
C GLY A 179 13.96 2.43 -0.65
N LEU A 180 13.26 2.49 -1.78
CA LEU A 180 11.80 2.58 -1.80
C LEU A 180 11.12 1.27 -1.31
N VAL A 181 11.75 0.14 -1.62
CA VAL A 181 11.37 -1.18 -1.10
C VAL A 181 12.56 -1.82 -0.40
N TRP A 182 12.28 -2.79 0.46
CA TRP A 182 13.30 -3.37 1.36
C TRP A 182 14.01 -4.57 0.71
N ARG A 183 13.24 -5.36 -0.04
CA ARG A 183 13.72 -6.59 -0.65
C ARG A 183 13.01 -6.80 -2.00
N ILE A 184 13.77 -7.31 -2.98
CA ILE A 184 13.20 -7.86 -4.18
C ILE A 184 13.11 -9.38 -4.07
N CYS A 185 12.02 -9.93 -4.60
CA CYS A 185 11.77 -11.38 -4.62
C CYS A 185 11.36 -11.80 -6.02
N SER A 186 11.66 -13.04 -6.37
CA SER A 186 11.11 -13.59 -7.61
C SER A 186 9.59 -13.56 -7.46
N PRO A 187 8.85 -13.60 -8.57
CA PRO A 187 7.40 -13.55 -8.42
C PRO A 187 6.83 -14.63 -7.48
N GLU A 188 7.30 -15.86 -7.64
CA GLU A 188 6.83 -16.97 -6.82
C GLU A 188 7.30 -16.96 -5.35
N GLU A 189 8.32 -16.17 -5.03
CA GLU A 189 8.84 -16.10 -3.66
C GLU A 189 8.35 -14.87 -2.91
N LEU A 190 7.66 -13.97 -3.59
CA LEU A 190 7.26 -12.72 -2.96
C LEU A 190 6.41 -12.92 -1.72
N LEU A 191 5.31 -13.65 -1.86
CA LEU A 191 4.40 -13.83 -0.74
C LEU A 191 4.97 -14.74 0.33
N PRO A 192 5.64 -15.85 -0.07
CA PRO A 192 6.35 -16.63 0.95
C PRO A 192 7.38 -15.82 1.76
N GLU A 193 8.16 -14.96 1.11
CA GLU A 193 9.13 -14.15 1.85
C GLU A 193 8.44 -13.09 2.68
N ALA A 194 7.50 -12.37 2.09
CA ALA A 194 6.75 -11.37 2.85
C ALA A 194 6.07 -12.03 4.04
N ARG A 195 5.41 -13.16 3.83
CA ARG A 195 4.71 -13.84 4.94
C ARG A 195 5.68 -14.34 6.04
N ARG A 196 6.81 -14.90 5.65
CA ARG A 196 7.80 -15.37 6.62
C ARG A 196 8.26 -14.23 7.55
N HIS A 197 8.51 -13.04 6.98
CA HIS A 197 8.91 -11.88 7.78
C HIS A 197 7.75 -11.35 8.64
N ALA A 198 6.55 -11.31 8.04
CA ALA A 198 5.34 -10.94 8.79
C ALA A 198 5.09 -11.83 10.03
N GLU A 199 5.29 -13.14 9.87
CA GLU A 199 5.14 -14.13 10.97
C GLU A 199 6.21 -14.00 12.06
N ILE A 200 7.42 -13.58 11.69
CA ILE A 200 8.45 -13.26 12.70
C ILE A 200 7.97 -12.09 13.56
N LEU A 201 7.46 -11.04 12.92
CA LEU A 201 6.94 -9.89 13.66
C LEU A 201 5.71 -10.25 14.46
N ALA A 202 4.82 -11.04 13.87
CA ALA A 202 3.51 -11.29 14.42
C ALA A 202 3.56 -12.16 15.69
N ALA A 203 4.66 -12.92 15.85
CA ALA A 203 4.90 -13.77 17.02
C ALA A 203 5.25 -12.96 18.27
N LYS A 204 5.55 -11.68 18.08
CA LYS A 204 5.95 -10.82 19.19
C LYS A 204 4.69 -10.28 19.87
N PRO A 205 4.79 -9.83 21.14
CA PRO A 205 3.60 -9.28 21.73
C PRO A 205 3.17 -8.05 20.97
N ILE A 206 1.86 -7.94 20.74
CA ILE A 206 1.31 -6.84 19.96
C ILE A 206 1.58 -5.49 20.61
N SER A 207 1.49 -5.44 21.94
CA SER A 207 1.74 -4.21 22.70
C SER A 207 3.14 -3.63 22.42
N SER A 208 4.14 -4.49 22.40
CA SER A 208 5.51 -4.04 22.19
C SER A 208 5.78 -3.68 20.71
N LEU A 209 5.09 -4.32 19.77
CA LEU A 209 5.20 -3.95 18.35
C LEU A 209 4.66 -2.54 18.13
N MET A 210 3.55 -2.25 18.79
CA MET A 210 2.89 -0.94 18.69
C MET A 210 3.74 0.14 19.36
N ALA A 211 4.40 -0.22 20.46
CA ALA A 211 5.23 0.75 21.17
C ALA A 211 6.45 1.09 20.31
N VAL A 212 7.09 0.07 19.73
CA VAL A 212 8.24 0.34 18.84
C VAL A 212 7.78 1.17 17.64
N LYS A 213 6.68 0.78 17.02
CA LYS A 213 6.24 1.52 15.85
C LYS A 213 6.02 2.97 16.23
N HIS A 214 5.26 3.20 17.30
CA HIS A 214 4.98 4.58 17.73
C HIS A 214 6.24 5.40 18.00
N THR A 215 7.26 4.81 18.62
CA THR A 215 8.50 5.56 18.90
C THR A 215 9.25 5.93 17.60
N MET A 216 9.15 5.10 16.55
CA MET A 216 9.83 5.45 15.29
C MET A 216 9.00 6.30 14.30
N VAL A 217 7.69 6.41 14.51
CA VAL A 217 6.81 7.17 13.58
C VAL A 217 6.37 8.56 14.11
N GLU A 218 6.52 8.81 15.41
CA GLU A 218 6.08 10.09 16.03
C GLU A 218 6.60 11.37 15.34
N PRO A 219 7.90 11.42 14.97
CA PRO A 219 8.41 12.52 14.14
C PRO A 219 8.52 12.12 12.66
C FMT B . 3.73 -2.28 -16.42
O1 FMT B . 3.81 -1.87 -17.60
O2 FMT B . 4.72 -2.54 -15.73
C FMT C . 16.75 -10.90 6.34
O1 FMT C . 15.65 -11.31 5.94
O2 FMT C . 17.55 -10.32 5.60
#